data_5N4Y
#
_entry.id   5N4Y
#
_cell.length_a   98.259
_cell.length_b   98.259
_cell.length_c   80.731
_cell.angle_alpha   90.00
_cell.angle_beta   90.00
_cell.angle_gamma   120.00
#
_symmetry.space_group_name_H-M   'P 65'
#
loop_
_entity.id
_entity.type
_entity.pdbx_description
1 polymer 'Serine/threonine-protein kinase pim-1'
2 polymer Pimtide
3 non-polymer 2,5-dihydro-1~{H}-isothiochromeno[4,3-c]pyrazol-3-one
4 water water
#
loop_
_entity_poly.entity_id
_entity_poly.type
_entity_poly.pdbx_seq_one_letter_code
_entity_poly.pdbx_strand_id
1 'polypeptide(L)'
;MLLSKINSLAHLRAAPCNDLHATKLAPGKEKEPLESQYQVGPLLGSGGFGSVYSGIRVSDNLPVAIKHVEKDRISDWGEL
PNGTRVPMEVVLLKKVSSGFSGVIRLLDWFERPDSFVLILERPEPVQDLFDFITERGALQEELARSFFWQVLEAVRHCHN
CGVLHRDIKDENILIDLNRGELKLIDFGSGALLKDTVYTDFDGTRVYSPPEWIRYHRYHGRSAAVWSLGILLYDMVCGDI
PFEHDEEIIGGQVFFRQRVSSECQHLIRWCLALRPSDRPTFEEIQNHPWMQDVLLPQETAEIHLHSLSPGPSK
;
A
2 'polypeptide(L)' ARKRRRHPSGPPTA B
#
loop_
_chem_comp.id
_chem_comp.type
_chem_comp.name
_chem_comp.formula
8N5 non-polymer 2,5-dihydro-1~{H}-isothiochromeno[4,3-c]pyrazol-3-one 'C10 H8 N2 O S'
#
# COMPACT_ATOMS: atom_id res chain seq x y z
N PRO A 33 -13.82 21.80 -16.98
CA PRO A 33 -15.15 21.18 -17.05
C PRO A 33 -15.14 19.76 -16.51
N LEU A 34 -15.18 19.61 -15.18
CA LEU A 34 -15.00 18.30 -14.58
C LEU A 34 -16.28 17.46 -14.61
N GLU A 35 -17.40 18.03 -14.14
CA GLU A 35 -18.63 17.26 -14.01
C GLU A 35 -19.16 16.78 -15.36
N SER A 36 -18.78 17.44 -16.46
CA SER A 36 -19.28 17.11 -17.79
C SER A 36 -18.21 16.42 -18.66
N GLN A 37 -17.36 15.61 -18.04
CA GLN A 37 -16.39 14.79 -18.74
C GLN A 37 -16.17 13.42 -18.09
N TYR A 38 -16.61 13.23 -16.85
CA TYR A 38 -16.61 11.92 -16.21
C TYR A 38 -18.02 11.66 -15.69
N GLN A 39 -18.60 10.53 -16.08
CA GLN A 39 -19.91 10.16 -15.57
C GLN A 39 -19.73 9.56 -14.18
N VAL A 40 -20.30 10.21 -13.18
CA VAL A 40 -20.08 9.83 -11.79
C VAL A 40 -21.03 8.70 -11.41
N GLY A 41 -20.50 7.69 -10.74
CA GLY A 41 -21.30 6.58 -10.29
C GLY A 41 -21.32 6.42 -8.77
N PRO A 42 -21.41 5.17 -8.33
CA PRO A 42 -21.62 4.90 -6.89
C PRO A 42 -20.39 5.14 -6.05
N LEU A 43 -20.62 5.52 -4.81
CA LEU A 43 -19.52 5.68 -3.87
C LEU A 43 -18.81 4.36 -3.63
N LEU A 44 -17.49 4.35 -3.80
CA LEU A 44 -16.71 3.15 -3.49
C LEU A 44 -16.29 3.10 -2.03
N GLY A 45 -16.02 4.25 -1.44
CA GLY A 45 -15.60 4.26 -0.05
C GLY A 45 -15.31 5.67 0.40
N SER A 46 -15.15 5.81 1.71
CA SER A 46 -14.84 7.07 2.34
C SER A 46 -14.13 6.80 3.66
N GLY A 47 -13.37 7.79 4.11
CA GLY A 47 -12.68 7.65 5.38
C GLY A 47 -11.65 8.74 5.55
N GLY A 48 -10.58 8.40 6.26
CA GLY A 48 -9.47 9.33 6.46
C GLY A 48 -8.80 9.76 5.17
N PHE A 49 -9.10 9.07 4.06
CA PHE A 49 -8.57 9.40 2.74
C PHE A 49 -9.46 10.35 1.96
N GLY A 50 -10.74 10.45 2.30
CA GLY A 50 -11.67 11.23 1.51
C GLY A 50 -12.86 10.40 1.07
N SER A 51 -13.33 10.62 -0.16
CA SER A 51 -14.52 9.97 -0.68
C SER A 51 -14.23 9.58 -2.10
N VAL A 52 -14.38 8.30 -2.42
CA VAL A 52 -13.96 7.79 -3.72
C VAL A 52 -15.18 7.25 -4.44
N TYR A 53 -15.41 7.72 -5.65
CA TYR A 53 -16.56 7.34 -6.45
C TYR A 53 -16.13 6.54 -7.67
N SER A 54 -16.99 5.62 -8.06
CA SER A 54 -16.84 4.96 -9.34
C SER A 54 -17.20 5.93 -10.45
N GLY A 55 -16.59 5.74 -11.60
CA GLY A 55 -16.75 6.69 -12.67
C GLY A 55 -16.32 6.07 -13.97
N ILE A 56 -16.78 6.68 -15.07
CA ILE A 56 -16.40 6.27 -16.41
C ILE A 56 -16.03 7.53 -17.16
N ARG A 57 -14.89 7.51 -17.82
CA ARG A 57 -14.50 8.62 -18.67
C ARG A 57 -15.38 8.60 -19.90
N VAL A 58 -16.15 9.67 -20.11
CA VAL A 58 -17.10 9.67 -21.22
C VAL A 58 -16.37 9.59 -22.55
N SER A 59 -15.14 10.13 -22.60
CA SER A 59 -14.33 10.12 -23.82
C SER A 59 -14.23 8.72 -24.41
N ASP A 60 -13.91 7.72 -23.59
CA ASP A 60 -13.70 6.37 -24.11
C ASP A 60 -14.27 5.27 -23.21
N ASN A 61 -15.19 5.60 -22.30
CA ASN A 61 -15.79 4.65 -21.37
C ASN A 61 -14.75 3.94 -20.50
N LEU A 62 -13.58 4.54 -20.29
CA LEU A 62 -12.56 3.90 -19.45
C LEU A 62 -13.00 3.91 -17.99
N PRO A 63 -12.87 2.82 -17.26
CA PRO A 63 -13.16 2.86 -15.82
C PRO A 63 -12.18 3.78 -15.11
N VAL A 64 -12.73 4.65 -14.25
CA VAL A 64 -11.91 5.55 -13.45
C VAL A 64 -12.44 5.56 -12.03
N ALA A 65 -11.63 6.08 -11.13
CA ALA A 65 -12.06 6.36 -9.77
C ALA A 65 -11.88 7.85 -9.53
N ILE A 66 -12.85 8.45 -8.85
CA ILE A 66 -12.89 9.89 -8.63
C ILE A 66 -12.81 10.12 -7.14
N LYS A 67 -11.73 10.76 -6.70
CA LYS A 67 -11.41 10.89 -5.29
C LYS A 67 -11.44 12.36 -4.90
N HIS A 68 -12.17 12.67 -3.84
CA HIS A 68 -12.32 14.03 -3.37
C HIS A 68 -11.60 14.19 -2.04
N VAL A 69 -10.96 15.34 -1.87
CA VAL A 69 -10.12 15.62 -0.71
C VAL A 69 -10.48 17.02 -0.22
N GLU A 70 -11.02 17.11 0.98
CA GLU A 70 -11.35 18.41 1.56
C GLU A 70 -10.07 19.19 1.83
N LYS A 71 -10.01 20.43 1.36
CA LYS A 71 -8.79 21.24 1.52
C LYS A 71 -8.45 21.44 2.99
N ASP A 72 -9.46 21.66 3.83
CA ASP A 72 -9.20 21.89 5.26
C ASP A 72 -8.60 20.66 5.93
N ARG A 73 -8.82 19.47 5.38
CA ARG A 73 -8.31 18.25 5.99
C ARG A 73 -6.99 17.81 5.38
N ILE A 74 -6.08 18.73 5.05
CA ILE A 74 -4.83 18.38 4.41
C ILE A 74 -3.68 18.90 5.27
N SER A 75 -2.68 18.03 5.52
CA SER A 75 -1.56 18.36 6.41
C SER A 75 -0.34 18.85 5.62
N ASP A 76 0.14 18.05 4.67
CA ASP A 76 1.36 18.37 3.93
C ASP A 76 1.01 18.83 2.52
N TRP A 77 1.57 19.97 2.10
CA TRP A 77 1.38 20.53 0.78
C TRP A 77 2.71 20.60 0.05
N GLY A 78 2.65 20.56 -1.27
CA GLY A 78 3.85 20.69 -2.09
C GLY A 78 3.60 21.50 -3.34
N GLU A 79 4.60 21.56 -4.22
CA GLU A 79 4.46 22.23 -5.50
C GLU A 79 5.11 21.37 -6.57
N LEU A 80 4.54 21.41 -7.77
CA LEU A 80 5.01 20.56 -8.85
C LEU A 80 6.00 21.32 -9.73
N PRO A 81 6.27 20.83 -10.94
CA PRO A 81 7.10 21.61 -11.87
C PRO A 81 6.33 22.75 -12.52
N ASN A 82 5.41 23.34 -11.75
CA ASN A 82 4.69 24.55 -12.14
C ASN A 82 4.62 25.58 -11.04
N GLY A 83 5.03 25.26 -9.82
CA GLY A 83 4.87 26.17 -8.70
C GLY A 83 3.49 26.22 -8.10
N THR A 84 2.47 25.69 -8.77
CA THR A 84 1.13 25.65 -8.20
C THR A 84 1.12 24.81 -6.94
N ARG A 85 0.57 25.36 -5.85
CA ARG A 85 0.56 24.66 -4.56
C ARG A 85 -0.52 23.60 -4.57
N VAL A 86 -0.13 22.35 -4.33
CA VAL A 86 -1.04 21.20 -4.38
C VAL A 86 -0.79 20.32 -3.17
N PRO A 87 -1.72 19.41 -2.86
CA PRO A 87 -1.47 18.46 -1.78
C PRO A 87 -0.33 17.53 -2.12
N MET A 88 0.41 17.11 -1.09
CA MET A 88 1.56 16.24 -1.31
C MET A 88 1.16 14.98 -2.08
N GLU A 89 -0.03 14.45 -1.78
CA GLU A 89 -0.51 13.26 -2.48
C GLU A 89 -0.46 13.45 -4.01
N VAL A 90 -0.84 14.63 -4.50
CA VAL A 90 -0.75 14.85 -5.94
C VAL A 90 0.70 14.87 -6.40
N VAL A 91 1.58 15.53 -5.64
CA VAL A 91 3.00 15.53 -5.96
C VAL A 91 3.52 14.10 -6.09
N LEU A 92 3.25 13.27 -5.07
CA LEU A 92 3.76 11.90 -5.08
C LEU A 92 3.17 11.08 -6.22
N LEU A 93 1.87 11.22 -6.48
CA LEU A 93 1.26 10.43 -7.55
C LEU A 93 1.85 10.79 -8.90
N LYS A 94 2.19 12.07 -9.11
CA LYS A 94 2.82 12.47 -10.37
C LYS A 94 4.21 11.89 -10.49
N LYS A 95 4.98 11.88 -9.40
CA LYS A 95 6.33 11.32 -9.46
C LYS A 95 6.30 9.83 -9.80
N VAL A 96 5.28 9.11 -9.32
CA VAL A 96 5.23 7.67 -9.58
C VAL A 96 4.38 7.29 -10.78
N SER A 97 3.58 8.21 -11.32
CA SER A 97 2.60 7.82 -12.34
C SER A 97 3.20 7.65 -13.71
N SER A 98 4.50 7.87 -13.88
CA SER A 98 5.08 7.75 -15.21
C SER A 98 5.19 6.28 -15.59
N GLY A 99 4.59 5.92 -16.72
CA GLY A 99 4.67 4.56 -17.23
C GLY A 99 3.73 3.57 -16.57
N PHE A 100 4.02 2.30 -16.85
CA PHE A 100 3.32 1.16 -16.26
C PHE A 100 4.00 0.77 -14.96
N SER A 101 3.20 0.35 -13.98
CA SER A 101 3.76 -0.20 -12.75
C SER A 101 2.65 -0.84 -11.93
N GLY A 102 3.04 -1.38 -10.78
CA GLY A 102 2.10 -1.87 -9.82
C GLY A 102 1.64 -0.77 -8.90
N VAL A 103 1.61 0.47 -9.40
CA VAL A 103 1.05 1.60 -8.68
C VAL A 103 -0.14 2.15 -9.45
N ILE A 104 -1.18 2.52 -8.70
CA ILE A 104 -2.34 3.20 -9.26
C ILE A 104 -1.92 4.48 -9.95
N ARG A 105 -2.39 4.69 -11.17
CA ARG A 105 -1.98 5.87 -11.92
C ARG A 105 -2.97 7.01 -11.76
N LEU A 106 -2.43 8.21 -11.60
CA LEU A 106 -3.22 9.44 -11.53
C LEU A 106 -3.44 9.93 -12.95
N LEU A 107 -4.68 9.93 -13.40
CA LEU A 107 -4.97 10.28 -14.79
C LEU A 107 -5.11 11.78 -14.97
N ASP A 108 -5.60 12.47 -13.95
CA ASP A 108 -5.93 13.88 -14.03
C ASP A 108 -6.29 14.34 -12.63
N TRP A 109 -6.44 15.66 -12.46
CA TRP A 109 -6.87 16.22 -11.19
C TRP A 109 -7.31 17.67 -11.40
N PHE A 110 -8.19 18.14 -10.52
CA PHE A 110 -8.79 19.46 -10.60
C PHE A 110 -8.77 20.11 -9.22
N GLU A 111 -8.78 21.43 -9.19
CA GLU A 111 -8.98 22.17 -7.95
C GLU A 111 -10.37 22.79 -7.94
N ARG A 112 -10.97 22.80 -6.76
CA ARG A 112 -12.27 23.38 -6.47
C ARG A 112 -12.10 24.33 -5.30
N PRO A 113 -13.14 25.14 -4.99
CA PRO A 113 -13.05 26.03 -3.83
C PRO A 113 -12.53 25.35 -2.58
N ASP A 114 -13.21 24.31 -2.08
CA ASP A 114 -12.84 23.72 -0.80
C ASP A 114 -12.28 22.31 -0.91
N SER A 115 -11.99 21.82 -2.12
CA SER A 115 -11.54 20.45 -2.29
C SER A 115 -10.61 20.34 -3.49
N PHE A 116 -9.89 19.22 -3.53
CA PHE A 116 -9.21 18.74 -4.74
C PHE A 116 -9.85 17.43 -5.18
N VAL A 117 -9.91 17.22 -6.50
CA VAL A 117 -10.54 16.04 -7.06
C VAL A 117 -9.50 15.29 -7.90
N LEU A 118 -9.35 13.99 -7.65
CA LEU A 118 -8.34 13.17 -8.29
C LEU A 118 -9.02 12.11 -9.15
N ILE A 119 -8.57 12.00 -10.39
CA ILE A 119 -9.04 10.98 -11.32
C ILE A 119 -7.98 9.88 -11.37
N LEU A 120 -8.35 8.68 -10.93
CA LEU A 120 -7.41 7.57 -10.80
C LEU A 120 -7.90 6.37 -11.60
N GLU A 121 -6.96 5.48 -11.91
CA GLU A 121 -7.30 4.19 -12.51
C GLU A 121 -8.26 3.42 -11.61
N ARG A 122 -9.12 2.62 -12.25
CA ARG A 122 -10.01 1.72 -11.53
C ARG A 122 -9.99 0.36 -12.23
N PRO A 123 -9.30 -0.62 -11.67
CA PRO A 123 -9.41 -1.98 -12.20
C PRO A 123 -10.83 -2.48 -12.10
N GLU A 124 -11.21 -3.36 -13.00
CA GLU A 124 -12.55 -3.93 -13.00
C GLU A 124 -12.56 -5.30 -13.66
N PRO A 125 -12.88 -6.35 -12.90
CA PRO A 125 -13.28 -6.35 -11.49
C PRO A 125 -12.10 -6.18 -10.54
N VAL A 126 -12.38 -5.77 -9.30
CA VAL A 126 -11.33 -5.44 -8.33
C VAL A 126 -11.80 -5.81 -6.93
N GLN A 127 -10.84 -6.10 -6.05
CA GLN A 127 -11.10 -6.25 -4.63
C GLN A 127 -9.80 -5.92 -3.91
N ASP A 128 -9.91 -5.20 -2.79
CA ASP A 128 -8.68 -4.88 -2.10
C ASP A 128 -8.23 -6.07 -1.27
N LEU A 129 -6.94 -6.08 -0.94
CA LEU A 129 -6.35 -7.25 -0.32
C LEU A 129 -6.87 -7.46 1.10
N PHE A 130 -7.38 -6.41 1.76
CA PHE A 130 -7.98 -6.63 3.07
C PHE A 130 -9.25 -7.49 2.98
N ASP A 131 -10.15 -7.16 2.05
CA ASP A 131 -11.37 -7.96 1.88
C ASP A 131 -11.07 -9.34 1.35
N PHE A 132 -10.06 -9.45 0.48
CA PHE A 132 -9.69 -10.75 -0.06
C PHE A 132 -9.26 -11.70 1.04
N ILE A 133 -8.44 -11.21 1.98
CA ILE A 133 -7.91 -12.06 3.04
C ILE A 133 -8.99 -12.41 4.05
N THR A 134 -9.90 -11.47 4.29
CA THR A 134 -11.06 -11.75 5.14
C THR A 134 -11.90 -12.88 4.56
N GLU A 135 -12.20 -12.82 3.26
CA GLU A 135 -13.04 -13.84 2.65
C GLU A 135 -12.32 -15.18 2.54
N ARG A 136 -11.02 -15.17 2.21
CA ARG A 136 -10.34 -16.43 1.94
C ARG A 136 -9.61 -17.02 3.13
N GLY A 137 -9.35 -16.23 4.17
CA GLY A 137 -8.46 -16.67 5.22
C GLY A 137 -7.00 -16.59 4.79
N ALA A 138 -6.15 -17.21 5.61
CA ALA A 138 -4.73 -17.34 5.33
C ALA A 138 -4.48 -17.90 3.93
N LEU A 139 -3.67 -17.19 3.16
CA LEU A 139 -3.41 -17.55 1.77
C LEU A 139 -2.35 -18.64 1.68
N GLN A 140 -2.52 -19.54 0.70
CA GLN A 140 -1.45 -20.48 0.38
C GLN A 140 -0.15 -19.71 0.11
N GLU A 141 0.97 -20.31 0.54
CA GLU A 141 2.25 -19.61 0.43
C GLU A 141 2.57 -19.25 -1.03
N GLU A 142 2.18 -20.12 -1.98
CA GLU A 142 2.43 -19.81 -3.39
C GLU A 142 1.75 -18.52 -3.79
N LEU A 143 0.54 -18.30 -3.29
CA LEU A 143 -0.19 -17.09 -3.62
C LEU A 143 0.36 -15.90 -2.86
N ALA A 144 0.75 -16.11 -1.59
CA ALA A 144 1.35 -15.03 -0.83
C ALA A 144 2.67 -14.59 -1.44
N ARG A 145 3.42 -15.54 -2.02
CA ARG A 145 4.70 -15.21 -2.64
C ARG A 145 4.50 -14.31 -3.86
N SER A 146 3.57 -14.68 -4.73
CA SER A 146 3.27 -13.86 -5.90
C SER A 146 2.78 -12.47 -5.48
N PHE A 147 1.84 -12.41 -4.54
CA PHE A 147 1.34 -11.12 -4.07
C PHE A 147 2.45 -10.28 -3.44
N PHE A 148 3.19 -10.87 -2.51
CA PHE A 148 4.24 -10.15 -1.82
C PHE A 148 5.34 -9.68 -2.79
N TRP A 149 5.70 -10.53 -3.76
CA TRP A 149 6.66 -10.12 -4.78
C TRP A 149 6.17 -8.88 -5.53
N GLN A 150 4.91 -8.90 -6.00
CA GLN A 150 4.41 -7.73 -6.71
C GLN A 150 4.44 -6.48 -5.83
N VAL A 151 4.12 -6.62 -4.54
CA VAL A 151 4.16 -5.45 -3.67
C VAL A 151 5.59 -4.93 -3.56
N LEU A 152 6.57 -5.85 -3.49
CA LEU A 152 7.97 -5.42 -3.41
C LEU A 152 8.40 -4.68 -4.67
N GLU A 153 8.00 -5.17 -5.86
CA GLU A 153 8.30 -4.44 -7.08
C GLU A 153 7.66 -3.05 -7.07
N ALA A 154 6.43 -2.94 -6.56
CA ALA A 154 5.76 -1.65 -6.57
C ALA A 154 6.44 -0.68 -5.62
N VAL A 155 6.82 -1.16 -4.43
CA VAL A 155 7.44 -0.28 -3.46
C VAL A 155 8.83 0.14 -3.95
N ARG A 156 9.58 -0.80 -4.54
CA ARG A 156 10.84 -0.45 -5.18
C ARG A 156 10.63 0.64 -6.22
N HIS A 157 9.54 0.56 -6.98
CA HIS A 157 9.26 1.56 -7.98
C HIS A 157 9.09 2.94 -7.36
N CYS A 158 8.32 3.02 -6.26
CA CYS A 158 8.12 4.31 -5.59
C CYS A 158 9.43 4.89 -5.13
N HIS A 159 10.25 4.06 -4.46
CA HIS A 159 11.53 4.56 -3.97
C HIS A 159 12.41 5.01 -5.13
N ASN A 160 12.37 4.30 -6.26
CA ASN A 160 13.11 4.75 -7.44
C ASN A 160 12.65 6.13 -7.90
N CYS A 161 11.38 6.47 -7.68
CA CYS A 161 10.85 7.78 -8.06
C CYS A 161 10.94 8.80 -6.93
N GLY A 162 11.69 8.53 -5.87
CA GLY A 162 11.81 9.49 -4.79
C GLY A 162 10.62 9.59 -3.88
N VAL A 163 9.74 8.57 -3.86
CA VAL A 163 8.49 8.60 -3.12
C VAL A 163 8.50 7.52 -2.04
N LEU A 164 8.03 7.87 -0.86
CA LEU A 164 7.93 6.96 0.28
C LEU A 164 6.47 6.82 0.66
N HIS A 165 5.92 5.61 0.54
CA HIS A 165 4.46 5.47 0.69
C HIS A 165 4.00 5.72 2.13
N ARG A 166 4.64 5.07 3.11
CA ARG A 166 4.41 5.25 4.53
C ARG A 166 3.08 4.67 5.04
N ASP A 167 2.33 3.94 4.22
CA ASP A 167 1.13 3.30 4.72
C ASP A 167 0.91 1.96 4.00
N ILE A 168 1.98 1.19 3.83
CA ILE A 168 1.84 -0.10 3.16
C ILE A 168 1.00 -1.00 4.07
N LYS A 169 -0.11 -1.51 3.55
CA LYS A 169 -0.98 -2.42 4.28
C LYS A 169 -2.00 -3.03 3.31
N ASP A 170 -2.63 -4.15 3.70
CA ASP A 170 -3.53 -4.85 2.79
C ASP A 170 -4.67 -3.96 2.29
N GLU A 171 -5.13 -3.05 3.14
CA GLU A 171 -6.20 -2.12 2.79
C GLU A 171 -5.83 -1.23 1.64
N ASN A 172 -4.53 -1.00 1.42
CA ASN A 172 -4.05 -0.07 0.41
C ASN A 172 -3.46 -0.80 -0.80
N ILE A 173 -3.95 -2.02 -1.04
CA ILE A 173 -3.52 -2.83 -2.18
C ILE A 173 -4.76 -3.32 -2.90
N LEU A 174 -4.84 -3.04 -4.21
CA LEU A 174 -5.93 -3.49 -5.04
C LEU A 174 -5.49 -4.70 -5.85
N ILE A 175 -6.42 -5.65 -6.03
CA ILE A 175 -6.21 -6.85 -6.83
C ILE A 175 -7.06 -6.71 -8.09
N ASP A 176 -6.41 -6.60 -9.23
CA ASP A 176 -7.09 -6.78 -10.51
C ASP A 176 -7.31 -8.27 -10.66
N LEU A 177 -8.55 -8.69 -10.40
CA LEU A 177 -8.84 -10.12 -10.33
C LEU A 177 -8.63 -10.82 -11.67
N ASN A 178 -8.86 -10.12 -12.78
CA ASN A 178 -8.72 -10.78 -14.07
C ASN A 178 -7.26 -10.89 -14.50
N ARG A 179 -6.48 -9.84 -14.31
CA ARG A 179 -5.07 -9.89 -14.70
C ARG A 179 -4.15 -10.44 -13.62
N GLY A 180 -4.63 -10.58 -12.38
CA GLY A 180 -3.78 -11.05 -11.30
C GLY A 180 -2.71 -10.08 -10.89
N GLU A 181 -2.90 -8.79 -11.15
CA GLU A 181 -1.94 -7.74 -10.86
C GLU A 181 -2.35 -6.97 -9.62
N LEU A 182 -1.38 -6.68 -8.76
CA LEU A 182 -1.62 -5.89 -7.56
C LEU A 182 -1.25 -4.42 -7.83
N LYS A 183 -2.06 -3.51 -7.29
CA LYS A 183 -1.87 -2.08 -7.48
C LYS A 183 -1.84 -1.41 -6.11
N LEU A 184 -0.81 -0.59 -5.88
CA LEU A 184 -0.67 0.15 -4.63
C LEU A 184 -1.45 1.46 -4.72
N ILE A 185 -2.18 1.81 -3.65
CA ILE A 185 -3.04 2.99 -3.67
C ILE A 185 -2.79 3.84 -2.43
N ASP A 186 -3.37 5.04 -2.47
CA ASP A 186 -3.49 5.96 -1.36
C ASP A 186 -2.16 6.47 -0.84
N PHE A 187 -1.62 7.50 -1.48
CA PHE A 187 -0.38 8.11 -1.03
C PHE A 187 -0.62 9.26 -0.04
N GLY A 188 -1.81 9.34 0.55
CA GLY A 188 -2.15 10.46 1.41
C GLY A 188 -1.35 10.56 2.69
N SER A 189 -0.52 9.57 3.01
CA SER A 189 0.36 9.65 4.17
C SER A 189 1.83 9.63 3.74
N GLY A 190 2.10 9.72 2.43
CA GLY A 190 3.46 9.59 1.95
C GLY A 190 4.31 10.83 2.15
N ALA A 191 5.59 10.67 1.81
CA ALA A 191 6.55 11.77 1.84
C ALA A 191 7.52 11.60 0.68
N LEU A 192 8.23 12.68 0.35
CA LEU A 192 9.38 12.51 -0.53
C LEU A 192 10.38 11.62 0.18
N LEU A 193 11.04 10.73 -0.56
CA LEU A 193 12.02 9.85 0.06
C LEU A 193 13.28 10.62 0.44
N LYS A 194 13.81 10.34 1.62
CA LYS A 194 15.02 11.00 2.09
C LYS A 194 15.80 10.04 2.98
N ASP A 195 17.08 10.38 3.20
CA ASP A 195 17.94 9.49 3.96
C ASP A 195 18.12 9.92 5.42
N THR A 196 17.65 11.11 5.79
CA THR A 196 17.73 11.55 7.18
C THR A 196 16.50 11.01 7.92
N VAL A 197 16.38 11.35 9.19
CA VAL A 197 15.36 10.76 10.05
C VAL A 197 14.02 11.40 9.76
N TYR A 198 12.95 10.61 9.82
CA TYR A 198 11.60 11.15 9.88
C TYR A 198 11.16 11.23 11.34
N THR A 199 10.56 12.36 11.72
CA THR A 199 10.02 12.49 13.07
C THR A 199 8.52 12.81 13.06
N ASP A 200 7.86 12.67 11.91
CA ASP A 200 6.42 12.78 11.77
C ASP A 200 5.88 11.50 11.13
N PHE A 201 4.61 11.19 11.41
CA PHE A 201 3.95 10.00 10.86
C PHE A 201 2.44 10.03 11.04
N ASP A 202 1.68 9.78 9.97
CA ASP A 202 0.22 9.72 10.04
C ASP A 202 -0.34 8.49 9.34
N GLY A 203 0.44 7.40 9.25
CA GLY A 203 -0.03 6.16 8.67
C GLY A 203 -0.74 5.28 9.67
N THR A 204 -0.82 3.99 9.34
CA THR A 204 -1.53 3.03 10.19
C THR A 204 -0.62 2.54 11.31
N ARG A 205 -1.04 2.74 12.57
CA ARG A 205 -0.13 2.50 13.68
C ARG A 205 0.25 1.04 13.81
N VAL A 206 -0.68 0.11 13.53
CA VAL A 206 -0.36 -1.30 13.69
C VAL A 206 0.62 -1.81 12.65
N TYR A 207 0.89 -1.05 11.58
CA TYR A 207 1.92 -1.42 10.63
C TYR A 207 3.21 -0.63 10.83
N SER A 208 3.28 0.25 11.91
CA SER A 208 4.42 1.14 12.13
C SER A 208 5.47 0.46 13.01
N PRO A 209 6.74 0.85 12.88
CA PRO A 209 7.80 0.09 13.50
C PRO A 209 7.98 0.47 14.96
N PRO A 210 8.68 -0.35 15.72
CA PRO A 210 8.85 -0.05 17.15
C PRO A 210 9.61 1.22 17.42
N GLU A 211 10.54 1.60 16.54
CA GLU A 211 11.28 2.84 16.77
C GLU A 211 10.39 4.06 16.64
N TRP A 212 9.27 3.92 15.93
CA TRP A 212 8.27 4.99 15.94
C TRP A 212 7.45 4.99 17.22
N ILE A 213 7.05 3.81 17.71
CA ILE A 213 6.34 3.72 18.99
C ILE A 213 7.21 4.26 20.12
N ARG A 214 8.45 3.74 20.23
CA ARG A 214 9.31 4.05 21.38
C ARG A 214 9.83 5.48 21.33
N TYR A 215 10.31 5.94 20.16
CA TYR A 215 11.10 7.17 20.08
C TYR A 215 10.60 8.21 19.08
N HIS A 216 9.47 7.99 18.41
CA HIS A 216 8.93 8.94 17.45
C HIS A 216 9.93 9.33 16.38
N ARG A 217 10.75 8.37 15.94
CA ARG A 217 11.65 8.58 14.83
C ARG A 217 11.91 7.27 14.10
N TYR A 218 12.18 7.37 12.80
CA TYR A 218 12.43 6.20 11.98
C TYR A 218 13.11 6.65 10.69
N HIS A 219 13.66 5.68 9.97
CA HIS A 219 14.18 5.93 8.64
C HIS A 219 13.26 5.24 7.64
N GLY A 220 13.20 5.76 6.42
CA GLY A 220 12.09 5.42 5.53
C GLY A 220 12.12 3.97 5.06
N ARG A 221 13.27 3.51 4.57
N ARG A 221 13.27 3.52 4.56
CA ARG A 221 13.35 2.17 4.00
CA ARG A 221 13.37 2.17 4.01
C ARG A 221 13.23 1.10 5.07
C ARG A 221 13.19 1.12 5.09
N SER A 222 13.87 1.30 6.22
CA SER A 222 13.78 0.29 7.27
C SER A 222 12.38 0.22 7.84
N ALA A 223 11.69 1.37 7.96
CA ALA A 223 10.31 1.33 8.41
C ALA A 223 9.41 0.69 7.36
N ALA A 224 9.72 0.89 6.07
CA ALA A 224 8.93 0.23 5.03
C ALA A 224 9.07 -1.27 5.12
N VAL A 225 10.28 -1.76 5.34
CA VAL A 225 10.51 -3.19 5.48
C VAL A 225 9.72 -3.74 6.65
N TRP A 226 9.62 -2.98 7.75
CA TRP A 226 8.85 -3.46 8.89
C TRP A 226 7.39 -3.67 8.51
N SER A 227 6.77 -2.67 7.87
CA SER A 227 5.39 -2.80 7.45
C SER A 227 5.21 -3.97 6.47
N LEU A 228 6.21 -4.24 5.65
CA LEU A 228 6.10 -5.37 4.74
C LEU A 228 6.15 -6.70 5.49
N GLY A 229 6.93 -6.77 6.57
CA GLY A 229 6.84 -7.92 7.46
C GLY A 229 5.46 -8.09 8.08
N ILE A 230 4.84 -6.99 8.52
CA ILE A 230 3.47 -7.10 9.01
C ILE A 230 2.58 -7.62 7.89
N LEU A 231 2.76 -7.09 6.67
CA LEU A 231 1.90 -7.48 5.55
C LEU A 231 2.04 -8.96 5.22
N LEU A 232 3.27 -9.49 5.25
CA LEU A 232 3.47 -10.87 4.85
C LEU A 232 2.89 -11.84 5.89
N TYR A 233 3.05 -11.52 7.19
CA TYR A 233 2.39 -12.31 8.22
C TYR A 233 0.88 -12.28 8.02
N ASP A 234 0.34 -11.11 7.72
CA ASP A 234 -1.09 -10.95 7.46
C ASP A 234 -1.56 -11.88 6.33
N MET A 235 -0.76 -12.00 5.26
CA MET A 235 -1.13 -12.86 4.14
C MET A 235 -1.08 -14.34 4.53
N VAL A 236 -0.04 -14.77 5.23
CA VAL A 236 0.11 -16.21 5.47
C VAL A 236 -0.63 -16.69 6.71
N CYS A 237 -1.00 -15.79 7.64
CA CYS A 237 -1.71 -16.21 8.84
C CYS A 237 -3.17 -15.79 8.89
N GLY A 238 -3.62 -14.92 7.98
CA GLY A 238 -5.00 -14.49 7.95
C GLY A 238 -5.28 -13.19 8.69
N ASP A 239 -4.32 -12.67 9.43
CA ASP A 239 -4.46 -11.36 10.06
C ASP A 239 -3.10 -10.89 10.55
N ILE A 240 -3.03 -9.62 10.94
CA ILE A 240 -1.78 -9.00 11.36
C ILE A 240 -1.36 -9.57 12.72
N PRO A 241 -0.06 -9.54 13.06
CA PRO A 241 0.39 -10.17 14.31
C PRO A 241 0.17 -9.32 15.57
N PHE A 242 0.18 -8.01 15.42
CA PHE A 242 0.22 -7.10 16.56
C PHE A 242 -0.98 -6.18 16.49
N GLU A 243 -1.61 -5.97 17.64
CA GLU A 243 -2.66 -4.97 17.78
C GLU A 243 -2.26 -3.81 18.69
N HIS A 244 -1.32 -4.01 19.60
CA HIS A 244 -1.06 -3.10 20.71
C HIS A 244 0.41 -2.73 20.77
N ASP A 245 0.67 -1.49 21.20
CA ASP A 245 2.04 -0.97 21.23
C ASP A 245 2.99 -1.94 21.92
N GLU A 246 2.53 -2.54 23.01
CA GLU A 246 3.36 -3.47 23.77
C GLU A 246 3.78 -4.65 22.92
N GLU A 247 2.85 -5.21 22.14
CA GLU A 247 3.21 -6.28 21.22
C GLU A 247 4.20 -5.81 20.17
N ILE A 248 3.98 -4.60 19.63
CA ILE A 248 4.85 -4.07 18.56
C ILE A 248 6.28 -3.96 19.05
N ILE A 249 6.48 -3.30 20.20
CA ILE A 249 7.84 -3.14 20.70
C ILE A 249 8.37 -4.42 21.33
N GLY A 250 7.49 -5.41 21.58
CA GLY A 250 7.93 -6.66 22.16
C GLY A 250 8.68 -7.54 21.18
N GLY A 251 8.40 -7.39 19.89
CA GLY A 251 9.06 -8.17 18.86
C GLY A 251 9.13 -9.66 19.17
N GLN A 252 7.99 -10.25 19.51
CA GLN A 252 7.83 -11.69 19.54
C GLN A 252 6.77 -12.03 18.50
N VAL A 253 7.05 -13.02 17.67
CA VAL A 253 6.18 -13.35 16.56
C VAL A 253 5.69 -14.77 16.78
N PHE A 254 4.41 -14.91 17.09
CA PHE A 254 3.77 -16.20 17.26
C PHE A 254 2.97 -16.50 16.00
N PHE A 255 3.17 -17.68 15.43
CA PHE A 255 2.46 -18.07 14.22
C PHE A 255 1.22 -18.89 14.56
N ARG A 256 0.06 -18.33 14.19
CA ARG A 256 -1.24 -18.91 14.46
C ARG A 256 -1.70 -19.85 13.35
N GLN A 257 -0.93 -19.95 12.27
CA GLN A 257 -1.18 -20.88 11.18
C GLN A 257 0.09 -21.66 10.89
N ARG A 258 -0.08 -22.80 10.21
N ARG A 258 -0.09 -22.79 10.21
CA ARG A 258 1.07 -23.55 9.74
CA ARG A 258 1.05 -23.54 9.71
C ARG A 258 1.76 -22.75 8.64
C ARG A 258 1.74 -22.70 8.65
N VAL A 259 3.00 -22.36 8.89
CA VAL A 259 3.80 -21.57 7.95
C VAL A 259 5.17 -22.22 7.85
N SER A 260 5.69 -22.29 6.63
CA SER A 260 6.98 -22.93 6.39
C SER A 260 8.08 -22.19 7.14
N SER A 261 9.17 -22.92 7.40
CA SER A 261 10.32 -22.33 8.10
C SER A 261 10.94 -21.20 7.30
N GLU A 262 11.10 -21.39 5.99
CA GLU A 262 11.70 -20.34 5.17
C GLU A 262 10.88 -19.06 5.22
N CYS A 263 9.55 -19.20 5.19
CA CYS A 263 8.69 -18.01 5.25
C CYS A 263 8.69 -17.39 6.64
N GLN A 264 8.76 -18.21 7.70
CA GLN A 264 8.85 -17.65 9.04
C GLN A 264 10.16 -16.90 9.21
N HIS A 265 11.21 -17.40 8.59
CA HIS A 265 12.49 -16.72 8.68
C HIS A 265 12.41 -15.34 8.02
N LEU A 266 11.81 -15.26 6.82
CA LEU A 266 11.72 -13.97 6.16
C LEU A 266 10.89 -12.97 6.98
N ILE A 267 9.77 -13.44 7.53
CA ILE A 267 8.92 -12.57 8.34
C ILE A 267 9.69 -12.07 9.55
N ARG A 268 10.32 -12.96 10.30
CA ARG A 268 11.03 -12.52 11.50
C ARG A 268 12.18 -11.59 11.14
N TRP A 269 12.83 -11.81 10.00
CA TRP A 269 13.89 -10.91 9.56
C TRP A 269 13.35 -9.50 9.30
N CYS A 270 12.25 -9.40 8.56
CA CYS A 270 11.65 -8.10 8.29
C CYS A 270 11.24 -7.39 9.57
N LEU A 271 10.88 -8.15 10.61
CA LEU A 271 10.39 -7.61 11.86
C LEU A 271 11.45 -7.60 12.96
N ALA A 272 12.73 -7.58 12.59
CA ALA A 272 13.78 -7.32 13.57
C ALA A 272 13.52 -5.99 14.29
N LEU A 273 13.71 -6.01 15.62
CA LEU A 273 13.49 -4.81 16.42
C LEU A 273 14.47 -3.70 16.09
N ARG A 274 15.75 -4.03 15.94
CA ARG A 274 16.74 -3.05 15.54
C ARG A 274 16.60 -2.80 14.05
N PRO A 275 16.32 -1.56 13.62
CA PRO A 275 16.17 -1.30 12.18
C PRO A 275 17.34 -1.80 11.34
N SER A 276 18.57 -1.67 11.83
CA SER A 276 19.71 -2.03 11.00
C SER A 276 19.83 -3.53 10.81
N ASP A 277 19.16 -4.32 11.64
CA ASP A 277 19.10 -5.77 11.49
C ASP A 277 18.07 -6.23 10.45
N ARG A 278 17.24 -5.33 9.95
CA ARG A 278 16.25 -5.71 8.96
C ARG A 278 16.90 -5.90 7.59
N PRO A 279 16.27 -6.69 6.74
CA PRO A 279 16.80 -6.89 5.38
C PRO A 279 16.52 -5.71 4.46
N THR A 280 17.40 -5.55 3.47
CA THR A 280 17.16 -4.63 2.36
C THR A 280 16.13 -5.24 1.40
N PHE A 281 15.65 -4.41 0.47
CA PHE A 281 14.72 -4.92 -0.54
C PHE A 281 15.38 -5.99 -1.39
N GLU A 282 16.67 -5.81 -1.72
CA GLU A 282 17.41 -6.85 -2.43
C GLU A 282 17.47 -8.14 -1.62
N GLU A 283 17.79 -8.03 -0.34
CA GLU A 283 17.84 -9.23 0.49
C GLU A 283 16.48 -9.92 0.63
N ILE A 284 15.39 -9.17 0.66
CA ILE A 284 14.08 -9.82 0.65
C ILE A 284 13.87 -10.58 -0.66
N GLN A 285 14.16 -9.96 -1.80
CA GLN A 285 13.86 -10.65 -3.04
C GLN A 285 14.85 -11.76 -3.38
N ASN A 286 16.04 -11.76 -2.76
CA ASN A 286 16.96 -12.89 -2.89
C ASN A 286 16.72 -13.99 -1.86
N HIS A 287 15.81 -13.77 -0.90
CA HIS A 287 15.58 -14.76 0.14
C HIS A 287 15.05 -16.05 -0.48
N PRO A 288 15.44 -17.22 0.02
CA PRO A 288 15.03 -18.46 -0.64
C PRO A 288 13.53 -18.69 -0.66
N TRP A 289 12.76 -18.08 0.24
CA TRP A 289 11.31 -18.24 0.16
C TRP A 289 10.73 -17.53 -1.06
N MET A 290 11.46 -16.58 -1.64
CA MET A 290 10.94 -15.74 -2.71
C MET A 290 11.25 -16.28 -4.10
N GLN A 291 11.82 -17.48 -4.22
CA GLN A 291 12.21 -17.99 -5.52
C GLN A 291 11.04 -18.63 -6.27
N ASP A 292 11.21 -18.73 -7.59
CA ASP A 292 10.26 -19.33 -8.51
C ASP A 292 8.86 -18.73 -8.34
N VAL A 293 8.80 -17.41 -8.44
CA VAL A 293 7.52 -16.73 -8.26
C VAL A 293 6.63 -16.96 -9.49
N LEU A 294 5.33 -17.08 -9.24
CA LEU A 294 4.36 -17.16 -10.32
C LEU A 294 4.25 -15.84 -11.08
N LEU A 295 3.93 -15.93 -12.36
CA LEU A 295 3.62 -14.74 -13.15
C LEU A 295 2.24 -14.22 -12.78
N PRO A 296 1.94 -12.96 -13.09
CA PRO A 296 0.58 -12.46 -12.79
C PRO A 296 -0.51 -13.29 -13.46
N GLN A 297 -0.37 -13.58 -14.76
CA GLN A 297 -1.38 -14.37 -15.47
C GLN A 297 -1.59 -15.74 -14.82
N GLU A 298 -0.50 -16.44 -14.50
CA GLU A 298 -0.60 -17.70 -13.78
C GLU A 298 -1.33 -17.53 -12.45
N THR A 299 -1.00 -16.47 -11.71
CA THR A 299 -1.61 -16.24 -10.42
C THR A 299 -3.13 -16.09 -10.54
N ALA A 300 -3.58 -15.35 -11.56
CA ALA A 300 -5.01 -15.22 -11.82
C ALA A 300 -5.60 -16.57 -12.14
N GLU A 301 -4.99 -17.29 -13.09
CA GLU A 301 -5.59 -18.52 -13.56
C GLU A 301 -5.64 -19.59 -12.47
N ILE A 302 -4.60 -19.68 -11.65
CA ILE A 302 -4.54 -20.75 -10.65
C ILE A 302 -5.36 -20.38 -9.43
N HIS A 303 -5.27 -19.14 -8.98
CA HIS A 303 -5.77 -18.78 -7.67
C HIS A 303 -6.97 -17.85 -7.69
N LEU A 304 -7.23 -17.16 -8.81
CA LEU A 304 -8.22 -16.11 -8.81
C LEU A 304 -9.44 -16.36 -9.71
N HIS A 305 -9.39 -17.33 -10.62
CA HIS A 305 -10.55 -17.55 -11.50
C HIS A 305 -11.43 -18.64 -10.94
N ARG B 2 -10.98 -15.11 16.02
CA ARG B 2 -11.10 -13.83 16.72
C ARG B 2 -11.41 -12.71 15.72
N LYS B 3 -11.59 -11.48 16.22
CA LYS B 3 -12.09 -10.39 15.38
C LYS B 3 -10.94 -9.74 14.61
N ARG B 4 -11.11 -9.63 13.30
CA ARG B 4 -10.17 -8.94 12.40
C ARG B 4 -10.79 -7.64 11.92
N ARG B 5 -10.01 -6.57 11.93
CA ARG B 5 -10.56 -5.25 11.66
C ARG B 5 -9.61 -4.43 10.79
N ARG B 6 -10.18 -3.45 10.11
CA ARG B 6 -9.40 -2.41 9.47
C ARG B 6 -8.82 -1.48 10.53
N HIS B 7 -7.88 -0.64 10.11
CA HIS B 7 -7.23 0.31 11.01
C HIS B 7 -7.01 1.64 10.29
N PRO B 8 -7.64 2.71 10.74
CA PRO B 8 -7.60 3.98 10.00
C PRO B 8 -6.24 4.66 10.08
N SER B 9 -6.13 5.74 9.30
CA SER B 9 -4.97 6.62 9.32
C SER B 9 -5.37 8.01 8.81
C4 8N5 C . -9.55 3.06 -6.29
C5 8N5 C . -10.21 2.12 -7.09
C6 8N5 C . -8.64 4.04 -6.99
N1 8N5 C . -8.56 5.18 -2.27
C7 8N5 C . -8.05 4.85 -4.41
C8 8N5 C . -9.13 4.05 -4.09
C9 8N5 C . -7.68 5.60 -3.21
O 8N5 C . -6.78 6.42 -2.98
N 8N5 C . -9.43 4.25 -2.80
C3 8N5 C . -9.82 3.08 -4.91
C2 8N5 C . -10.75 2.18 -4.38
C1 8N5 C . -11.38 1.26 -5.20
S 8N5 C . -7.34 4.80 -5.99
C 8N5 C . -11.11 1.22 -6.55
#